data_1R2Z
#
_entry.id   1R2Z
#
_cell.length_a   44.591
_cell.length_b   94.226
_cell.length_c   102.180
_cell.angle_alpha   90.00
_cell.angle_beta   90.00
_cell.angle_gamma   90.00
#
_symmetry.space_group_name_H-M   'P 21 21 21'
#
loop_
_entity.id
_entity.type
_entity.pdbx_description
1 polymer "5'-D(*AP*GP*GP*TP*AP*GP*AP*CP*CP*TP*GP*GP*AP*CP*GP*C)-3'"
2 polymer "5'-D(*TP*GP*CP*GP*TP*CP*CP*AP*(DHU)P*GP*TP*CP*TP*AP*CP*C)-3'"
3 polymer MutM
4 non-polymer 'ZINC ION'
5 water water
#
loop_
_entity_poly.entity_id
_entity_poly.type
_entity_poly.pdbx_seq_one_letter_code
_entity_poly.pdbx_strand_id
1 'polydeoxyribonucleotide' (DG)(DT)(DA)(DG)(DA)(DC)(DC)(DT)(DG)(DG)(DA)(DC) B
2 'polydeoxyribonucleotide' (DG)(DT)(DC)(DC)(DA)(UMP)(DG)(DT)(DC)(DT)(DA)(DC) C
3 'polypeptide(L)'
;MPQLPEVETIRRTLLPLIVGKTIEDVRIFWPNIIRHPRDSEAFAARMIGQTVRGLERRGKFLKFLLDRDALISHLRMEGR
YAVASALEPLEPHTHVVFCFTDGSELRYRDVRKFGTMHVYAKEEADRRPPLAELGPEPLSPAFSPAVLAERAVKTKRSVK
ALLLDQTVVAGFGNIYVDESLFRAGILPGRPAASLSSKEIERLHEEMVATIGEAVMKGGSTVRTYVNTQGEAGTFQHHLY
VYGRQGNPCKRCGTPIEKTVVAGRGTHYCPRCQR
;
A
#
# COMPACT_ATOMS: atom_id res chain seq x y z
N PRO C 2 2.73 2.56 -3.55
CA PRO C 2 2.67 1.15 -3.14
C PRO C 2 1.31 0.73 -2.59
N GLN C 3 0.88 -0.47 -2.95
CA GLN C 3 -0.38 -1.00 -2.48
C GLN C 3 -0.02 -2.20 -1.62
N LEU C 4 -1.02 -2.98 -1.21
CA LEU C 4 -0.74 -4.12 -0.34
C LEU C 4 0.41 -5.03 -0.80
N PRO C 5 0.41 -5.47 -2.08
CA PRO C 5 1.49 -6.35 -2.54
C PRO C 5 2.89 -5.75 -2.38
N GLU C 6 3.02 -4.49 -2.74
CA GLU C 6 4.29 -3.80 -2.65
C GLU C 6 4.73 -3.59 -1.21
N VAL C 7 3.79 -3.19 -0.35
CA VAL C 7 4.12 -2.97 1.05
C VAL C 7 4.46 -4.29 1.75
N GLU C 8 3.74 -5.35 1.39
CA GLU C 8 3.99 -6.66 1.99
C GLU C 8 5.38 -7.16 1.58
N THR C 9 5.77 -6.87 0.35
CA THR C 9 7.09 -7.29 -0.13
C THR C 9 8.16 -6.52 0.64
N ILE C 10 7.91 -5.23 0.86
CA ILE C 10 8.86 -4.41 1.60
C ILE C 10 8.95 -4.92 3.04
N ARG C 11 7.81 -5.25 3.62
CA ARG C 11 7.76 -5.75 4.99
C ARG C 11 8.64 -6.99 5.15
N ARG C 12 8.41 -7.96 4.27
CA ARG C 12 9.16 -9.22 4.32
C ARG C 12 10.66 -9.06 4.12
N THR C 13 11.04 -8.21 3.17
CA THR C 13 12.45 -8.01 2.89
C THR C 13 13.16 -7.07 3.86
N LEU C 14 12.42 -6.17 4.49
CA LEU C 14 13.02 -5.22 5.42
C LEU C 14 13.19 -5.77 6.84
N LEU C 15 12.24 -6.57 7.29
CA LEU C 15 12.28 -7.11 8.65
C LEU C 15 13.62 -7.69 9.12
N PRO C 16 14.18 -8.64 8.37
CA PRO C 16 15.46 -9.21 8.81
C PRO C 16 16.64 -8.22 8.87
N LEU C 17 16.52 -7.12 8.13
CA LEU C 17 17.58 -6.11 8.09
C LEU C 17 17.54 -5.12 9.25
N ILE C 18 16.45 -5.14 10.03
CA ILE C 18 16.35 -4.21 11.14
C ILE C 18 15.97 -4.85 12.48
N VAL C 19 15.40 -6.05 12.45
CA VAL C 19 15.00 -6.67 13.70
C VAL C 19 16.16 -6.81 14.68
N GLY C 20 15.91 -6.42 15.92
CA GLY C 20 16.93 -6.52 16.95
C GLY C 20 17.87 -5.33 17.08
N LYS C 21 17.75 -4.37 16.18
CA LYS C 21 18.61 -3.19 16.23
C LYS C 21 18.00 -2.13 17.15
N THR C 22 18.86 -1.37 17.81
CA THR C 22 18.45 -0.35 18.75
C THR C 22 18.67 1.05 18.16
N ILE C 23 17.63 1.88 18.25
CA ILE C 23 17.70 3.23 17.71
C ILE C 23 18.55 4.14 18.60
N GLU C 24 19.52 4.81 17.98
CA GLU C 24 20.40 5.73 18.68
C GLU C 24 20.06 7.19 18.37
N ASP C 25 19.49 7.43 17.20
CA ASP C 25 19.12 8.79 16.80
C ASP C 25 18.09 8.71 15.69
N VAL C 26 17.31 9.77 15.55
CA VAL C 26 16.31 9.86 14.49
C VAL C 26 16.47 11.26 13.93
N ARG C 27 16.85 11.34 12.67
CA ARG C 27 17.07 12.64 12.03
C ARG C 27 15.99 12.88 10.99
N ILE C 28 15.41 14.08 11.06
CA ILE C 28 14.32 14.45 10.16
C ILE C 28 14.68 15.66 9.32
N PHE C 29 14.55 15.50 8.00
CA PHE C 29 14.88 16.58 7.07
C PHE C 29 13.66 17.21 6.41
N TRP C 30 12.49 16.60 6.61
CA TRP C 30 11.23 17.16 6.10
C TRP C 30 10.18 16.85 7.17
N PRO C 31 10.06 17.74 8.15
CA PRO C 31 9.12 17.65 9.29
C PRO C 31 7.67 17.31 8.97
N ASN C 32 7.16 17.79 7.83
CA ASN C 32 5.77 17.52 7.48
C ASN C 32 5.40 16.04 7.40
N ILE C 33 6.39 15.19 7.16
CA ILE C 33 6.13 13.76 7.09
C ILE C 33 5.67 13.24 8.45
N ILE C 34 6.18 13.85 9.52
CA ILE C 34 5.82 13.44 10.87
C ILE C 34 4.45 14.01 11.23
N ARG C 35 3.49 13.13 11.45
CA ARG C 35 2.13 13.56 11.78
C ARG C 35 1.77 13.43 13.25
N HIS C 36 2.42 12.50 13.95
CA HIS C 36 2.14 12.33 15.36
C HIS C 36 3.27 11.61 16.09
N PRO C 37 3.79 12.22 17.16
CA PRO C 37 3.33 13.53 17.63
C PRO C 37 3.70 14.57 16.56
N ARG C 38 2.92 15.63 16.43
CA ARG C 38 3.20 16.63 15.40
C ARG C 38 4.57 17.29 15.55
N ASP C 39 5.04 17.43 16.78
CA ASP C 39 6.35 18.03 17.02
C ASP C 39 7.39 16.96 16.66
N SER C 40 8.12 17.18 15.58
CA SER C 40 9.12 16.21 15.14
C SER C 40 10.18 15.92 16.19
N GLU C 41 10.44 16.90 17.07
CA GLU C 41 11.43 16.70 18.12
C GLU C 41 11.00 15.64 19.12
N ALA C 42 9.70 15.59 19.41
CA ALA C 42 9.18 14.59 20.36
C ALA C 42 9.16 13.23 19.69
N PHE C 43 8.84 13.22 18.40
CA PHE C 43 8.79 12.01 17.59
C PHE C 43 10.17 11.34 17.64
N ALA C 44 11.21 12.14 17.38
CA ALA C 44 12.58 11.62 17.39
C ALA C 44 13.03 11.18 18.78
N ALA C 45 12.80 12.05 19.77
CA ALA C 45 13.22 11.75 21.13
C ALA C 45 12.66 10.47 21.72
N ARG C 46 11.37 10.23 21.52
CA ARG C 46 10.74 9.04 22.10
C ARG C 46 11.22 7.72 21.55
N MET C 47 11.69 7.70 20.31
CA MET C 47 12.15 6.43 19.75
C MET C 47 13.58 6.07 20.13
N ILE C 48 14.37 7.06 20.51
CA ILE C 48 15.75 6.79 20.90
C ILE C 48 15.81 5.83 22.07
N GLY C 49 16.60 4.76 21.91
CA GLY C 49 16.72 3.77 22.97
C GLY C 49 15.82 2.57 22.76
N GLN C 50 14.86 2.67 21.84
CA GLN C 50 13.97 1.55 21.59
C GLN C 50 14.57 0.59 20.55
N THR C 51 14.21 -0.68 20.68
CA THR C 51 14.70 -1.71 19.78
C THR C 51 13.60 -2.19 18.86
N VAL C 52 13.95 -2.43 17.60
CA VAL C 52 12.96 -2.92 16.63
C VAL C 52 12.69 -4.39 16.95
N ARG C 53 11.45 -4.69 17.34
CA ARG C 53 11.09 -6.06 17.69
C ARG C 53 10.32 -6.80 16.60
N GLY C 54 9.68 -6.04 15.71
CA GLY C 54 8.93 -6.67 14.64
C GLY C 54 8.49 -5.68 13.59
N LEU C 55 7.91 -6.19 12.50
CA LEU C 55 7.43 -5.35 11.43
C LEU C 55 6.23 -6.03 10.80
N GLU C 56 5.08 -5.38 10.92
CA GLU C 56 3.84 -5.91 10.39
C GLU C 56 3.27 -4.96 9.34
N ARG C 57 2.19 -5.39 8.70
CA ARG C 57 1.52 -4.58 7.69
C ARG C 57 0.02 -4.60 7.93
N ARG C 58 -0.60 -3.44 7.77
CA ARG C 58 -2.06 -3.31 7.91
C ARG C 58 -2.45 -2.47 6.71
N GLY C 59 -3.19 -3.06 5.77
CA GLY C 59 -3.55 -2.32 4.58
C GLY C 59 -2.27 -1.94 3.85
N LYS C 60 -2.12 -0.67 3.51
CA LYS C 60 -0.92 -0.21 2.83
C LYS C 60 0.08 0.37 3.82
N PHE C 61 -0.17 0.17 5.11
CA PHE C 61 0.71 0.70 6.15
C PHE C 61 1.70 -0.31 6.71
N LEU C 62 2.87 0.19 7.06
CA LEU C 62 3.88 -0.63 7.71
C LEU C 62 3.75 -0.27 9.18
N LYS C 63 3.85 -1.27 10.05
CA LYS C 63 3.81 -1.02 11.48
C LYS C 63 5.08 -1.56 12.09
N PHE C 64 5.99 -0.65 12.44
CA PHE C 64 7.25 -1.03 13.05
C PHE C 64 6.98 -1.20 14.54
N LEU C 65 7.22 -2.40 15.07
CA LEU C 65 6.99 -2.63 16.49
C LEU C 65 8.30 -2.43 17.23
N LEU C 66 8.32 -1.47 18.16
CA LEU C 66 9.52 -1.18 18.92
C LEU C 66 9.35 -1.75 20.33
N ASP C 67 9.75 -1.03 21.37
CA ASP C 67 9.58 -1.55 22.72
C ASP C 67 8.21 -1.14 23.26
N ARG C 68 8.02 0.15 23.49
CA ARG C 68 6.76 0.67 23.99
C ARG C 68 5.89 1.17 22.85
N ASP C 69 6.54 1.65 21.79
CA ASP C 69 5.81 2.23 20.67
C ASP C 69 5.72 1.43 19.38
N ALA C 70 4.83 1.89 18.52
CA ALA C 70 4.63 1.33 17.19
C ALA C 70 4.76 2.54 16.26
N LEU C 71 5.57 2.41 15.21
CA LEU C 71 5.72 3.48 14.23
C LEU C 71 4.89 3.06 13.03
N ILE C 72 3.89 3.88 12.70
CA ILE C 72 3.00 3.60 11.57
C ILE C 72 3.47 4.44 10.39
N SER C 73 3.86 3.77 9.31
CA SER C 73 4.37 4.44 8.13
C SER C 73 3.59 4.16 6.86
N HIS C 74 3.21 5.24 6.17
CA HIS C 74 2.48 5.14 4.91
C HIS C 74 3.44 5.69 3.85
N LEU C 75 3.70 4.93 2.81
CA LEU C 75 4.62 5.36 1.75
C LEU C 75 3.95 6.24 0.69
N ARG C 76 2.62 6.29 0.72
CA ARG C 76 1.81 7.03 -0.25
C ARG C 76 2.20 6.65 -1.68
N MET C 77 2.63 7.62 -2.49
CA MET C 77 2.98 7.33 -3.88
C MET C 77 4.38 6.83 -4.22
N GLU C 78 5.40 7.32 -3.53
CA GLU C 78 6.77 6.93 -3.86
C GLU C 78 7.71 6.69 -2.70
N GLY C 79 7.17 6.56 -1.50
CA GLY C 79 8.01 6.33 -0.34
C GLY C 79 8.72 4.99 -0.43
N ARG C 80 9.93 4.91 0.14
CA ARG C 80 10.69 3.69 0.12
C ARG C 80 11.72 3.67 1.24
N TYR C 81 12.07 2.47 1.68
CA TYR C 81 13.05 2.28 2.74
C TYR C 81 14.26 1.51 2.26
N ALA C 82 15.40 1.80 2.86
CA ALA C 82 16.65 1.11 2.56
C ALA C 82 17.47 1.10 3.84
N VAL C 83 18.29 0.06 4.00
CA VAL C 83 19.16 -0.05 5.17
C VAL C 83 20.57 0.10 4.62
N ALA C 84 21.37 0.96 5.23
CA ALA C 84 22.73 1.19 4.76
C ALA C 84 23.65 1.69 5.86
N SER C 85 24.92 1.86 5.53
CA SER C 85 25.90 2.35 6.50
C SER C 85 25.77 3.85 6.76
N ALA C 86 25.91 4.25 8.02
CA ALA C 86 25.83 5.65 8.41
C ALA C 86 27.09 6.41 7.97
N LEU C 87 28.07 5.67 7.47
CA LEU C 87 29.32 6.28 7.03
C LEU C 87 29.26 6.79 5.60
N GLU C 88 28.25 6.34 4.85
CA GLU C 88 28.09 6.74 3.45
C GLU C 88 27.16 7.94 3.29
N PRO C 89 27.38 8.74 2.24
CA PRO C 89 26.51 9.91 2.01
C PRO C 89 25.08 9.46 1.71
N LEU C 90 24.12 10.24 2.17
CA LEU C 90 22.71 9.90 1.92
C LEU C 90 22.35 10.09 0.45
N GLU C 91 21.38 9.32 -0.02
CA GLU C 91 20.90 9.41 -1.38
C GLU C 91 19.94 10.62 -1.42
N PRO C 92 19.72 11.19 -2.62
CA PRO C 92 18.82 12.34 -2.73
C PRO C 92 17.41 12.01 -2.26
N HIS C 93 16.71 13.02 -1.74
CA HIS C 93 15.33 12.87 -1.28
C HIS C 93 15.15 11.97 -0.06
N THR C 94 16.18 11.90 0.79
CA THR C 94 16.08 11.11 2.02
C THR C 94 15.57 12.08 3.07
N HIS C 95 14.37 11.84 3.58
CA HIS C 95 13.78 12.76 4.54
C HIS C 95 13.75 12.37 6.01
N VAL C 96 13.91 11.07 6.30
CA VAL C 96 13.94 10.63 7.68
C VAL C 96 14.96 9.51 7.76
N VAL C 97 15.80 9.54 8.79
CA VAL C 97 16.81 8.51 8.98
C VAL C 97 16.82 8.04 10.41
N PHE C 98 16.77 6.72 10.60
CA PHE C 98 16.83 6.13 11.93
C PHE C 98 18.22 5.52 12.05
N CYS C 99 19.03 6.04 12.96
CA CYS C 99 20.39 5.56 13.16
C CYS C 99 20.42 4.51 14.26
N PHE C 100 20.99 3.36 13.97
CA PHE C 100 21.07 2.27 14.96
C PHE C 100 22.42 2.27 15.66
N THR C 101 22.46 1.64 16.83
CA THR C 101 23.70 1.59 17.61
C THR C 101 24.80 0.78 16.95
N ASP C 102 24.47 0.00 15.93
CA ASP C 102 25.49 -0.79 15.25
C ASP C 102 26.09 -0.08 14.04
N GLY C 103 25.77 1.20 13.88
CA GLY C 103 26.34 1.96 12.77
C GLY C 103 25.57 1.90 11.47
N SER C 104 24.52 1.09 11.43
CA SER C 104 23.70 1.00 10.23
C SER C 104 22.53 1.95 10.43
N GLU C 105 21.79 2.20 9.36
CA GLU C 105 20.64 3.10 9.49
C GLU C 105 19.53 2.73 8.53
N LEU C 106 18.31 3.07 8.92
CA LEU C 106 17.14 2.83 8.10
C LEU C 106 16.82 4.19 7.50
N ARG C 107 16.85 4.27 6.18
CA ARG C 107 16.60 5.54 5.50
C ARG C 107 15.28 5.54 4.75
N TYR C 108 14.50 6.60 4.94
CA TYR C 108 13.24 6.76 4.26
C TYR C 108 13.38 7.83 3.19
N ARG C 109 13.18 7.43 1.92
CA ARG C 109 13.27 8.37 0.80
C ARG C 109 11.86 8.53 0.23
N ASP C 110 11.55 9.74 -0.23
CA ASP C 110 10.22 9.99 -0.79
C ASP C 110 10.30 11.26 -1.64
N VAL C 111 10.52 11.08 -2.94
CA VAL C 111 10.65 12.21 -3.84
C VAL C 111 9.52 13.22 -3.75
N ARG C 112 8.28 12.75 -3.69
CA ARG C 112 7.15 13.65 -3.65
C ARG C 112 6.78 14.16 -2.26
N LYS C 113 7.43 13.63 -1.23
CA LYS C 113 7.19 14.05 0.16
C LYS C 113 5.75 13.83 0.63
N PHE C 114 5.08 12.81 0.09
CA PHE C 114 3.68 12.52 0.45
C PHE C 114 3.50 11.55 1.62
N GLY C 115 4.54 10.77 1.92
CA GLY C 115 4.45 9.81 3.01
C GLY C 115 4.18 10.39 4.38
N THR C 116 3.71 9.54 5.29
CA THR C 116 3.39 9.98 6.65
C THR C 116 3.89 8.99 7.70
N MET C 117 4.14 9.51 8.90
CA MET C 117 4.59 8.68 10.00
C MET C 117 3.86 9.09 11.29
N HIS C 118 3.37 8.08 12.01
CA HIS C 118 2.68 8.30 13.27
C HIS C 118 3.29 7.36 14.31
N VAL C 119 3.54 7.84 15.52
CA VAL C 119 4.06 6.98 16.57
C VAL C 119 3.11 7.05 17.77
N TYR C 120 2.68 5.88 18.23
CA TYR C 120 1.78 5.77 19.37
C TYR C 120 2.24 4.60 20.21
N ALA C 121 1.78 4.54 21.45
CA ALA C 121 2.11 3.39 22.29
C ALA C 121 1.43 2.25 21.53
N LYS C 122 2.06 1.07 21.53
CA LYS C 122 1.52 -0.08 20.81
C LYS C 122 0.02 -0.32 20.99
N GLU C 123 -0.43 -0.33 22.23
CA GLU C 123 -1.83 -0.58 22.54
C GLU C 123 -2.81 0.47 22.04
N GLU C 124 -2.29 1.61 21.58
CA GLU C 124 -3.14 2.69 21.08
C GLU C 124 -3.18 2.79 19.55
N ALA C 125 -2.15 2.24 18.90
CA ALA C 125 -2.04 2.30 17.45
C ALA C 125 -3.27 1.89 16.64
N ASP C 126 -3.88 0.77 16.99
CA ASP C 126 -5.03 0.30 16.24
C ASP C 126 -6.33 1.07 16.45
N ARG C 127 -6.42 1.83 17.53
CA ARG C 127 -7.64 2.60 17.80
C ARG C 127 -7.50 4.09 17.52
N ARG C 128 -6.43 4.47 16.84
CA ARG C 128 -6.19 5.86 16.50
C ARG C 128 -5.91 5.96 15.00
N PRO C 129 -6.08 7.16 14.41
CA PRO C 129 -5.81 7.27 12.99
C PRO C 129 -4.30 7.06 12.80
N PRO C 130 -3.87 6.60 11.62
CA PRO C 130 -4.66 6.24 10.43
C PRO C 130 -5.19 4.81 10.36
N LEU C 131 -4.85 3.97 11.31
CA LEU C 131 -5.28 2.57 11.28
C LEU C 131 -6.72 2.29 11.74
N ALA C 132 -7.21 3.10 12.67
CA ALA C 132 -8.55 2.91 13.24
C ALA C 132 -9.71 2.61 12.30
N GLU C 133 -9.84 3.38 11.22
CA GLU C 133 -10.97 3.19 10.30
C GLU C 133 -10.77 2.22 9.14
N LEU C 134 -9.62 1.56 9.07
CA LEU C 134 -9.34 0.63 7.98
C LEU C 134 -10.28 -0.57 7.89
N GLY C 135 -10.61 -0.93 6.65
CA GLY C 135 -11.48 -2.08 6.42
C GLY C 135 -10.71 -3.38 6.61
N PRO C 136 -11.34 -4.54 6.42
CA PRO C 136 -10.66 -5.82 6.60
C PRO C 136 -9.54 -6.14 5.61
N GLU C 137 -8.65 -7.03 6.01
CA GLU C 137 -7.55 -7.48 5.17
C GLU C 137 -8.17 -8.35 4.09
N PRO C 138 -7.88 -8.06 2.81
CA PRO C 138 -8.44 -8.85 1.70
C PRO C 138 -8.08 -10.33 1.66
N LEU C 139 -6.93 -10.69 2.22
CA LEU C 139 -6.52 -12.10 2.22
C LEU C 139 -6.91 -12.82 3.51
N SER C 140 -7.89 -12.27 4.22
CA SER C 140 -8.37 -12.86 5.46
C SER C 140 -9.86 -13.18 5.35
N PRO C 141 -10.36 -14.08 6.21
CA PRO C 141 -11.78 -14.45 6.18
C PRO C 141 -12.67 -13.23 6.43
N ALA C 142 -12.08 -12.21 7.05
CA ALA C 142 -12.81 -10.98 7.36
C ALA C 142 -13.30 -10.30 6.09
N PHE C 143 -12.63 -10.56 4.96
CA PHE C 143 -13.06 -9.98 3.69
C PHE C 143 -13.82 -11.07 2.95
N SER C 144 -15.13 -10.86 2.79
CA SER C 144 -15.96 -11.84 2.12
C SER C 144 -16.87 -11.15 1.11
N PRO C 145 -17.53 -11.94 0.24
CA PRO C 145 -18.42 -11.32 -0.74
C PRO C 145 -19.49 -10.51 0.00
N ALA C 146 -19.95 -11.06 1.12
CA ALA C 146 -20.98 -10.41 1.94
C ALA C 146 -20.54 -9.04 2.43
N VAL C 147 -19.29 -8.94 2.89
CA VAL C 147 -18.77 -7.68 3.38
C VAL C 147 -18.71 -6.65 2.26
N LEU C 148 -18.43 -7.12 1.05
CA LEU C 148 -18.35 -6.23 -0.11
C LEU C 148 -19.74 -5.76 -0.51
N ALA C 149 -20.69 -6.68 -0.54
CA ALA C 149 -22.07 -6.37 -0.90
C ALA C 149 -22.67 -5.37 0.09
N GLU C 150 -22.38 -5.56 1.37
CA GLU C 150 -22.89 -4.69 2.42
C GLU C 150 -22.64 -3.20 2.13
N ARG C 151 -21.43 -2.89 1.65
CA ARG C 151 -21.09 -1.51 1.34
C ARG C 151 -21.58 -1.13 -0.05
N ALA C 152 -21.57 -2.09 -0.97
CA ALA C 152 -21.99 -1.87 -2.35
C ALA C 152 -23.47 -1.45 -2.45
N VAL C 153 -24.36 -2.31 -1.94
CA VAL C 153 -25.79 -2.03 -1.99
C VAL C 153 -26.20 -0.98 -0.97
N LYS C 154 -25.35 0.02 -0.77
CA LYS C 154 -25.64 1.08 0.18
C LYS C 154 -25.15 2.42 -0.36
N THR C 155 -24.41 2.37 -1.46
CA THR C 155 -23.89 3.59 -2.08
C THR C 155 -24.17 3.62 -3.57
N LYS C 156 -24.15 4.82 -4.15
CA LYS C 156 -24.41 5.00 -5.56
C LYS C 156 -23.13 5.31 -6.34
N ARG C 157 -22.05 5.60 -5.62
CA ARG C 157 -20.78 5.91 -6.27
C ARG C 157 -20.27 4.74 -7.09
N SER C 158 -19.33 5.02 -7.98
CA SER C 158 -18.75 3.99 -8.84
C SER C 158 -18.13 2.85 -8.05
N VAL C 159 -18.14 1.67 -8.64
CA VAL C 159 -17.57 0.50 -7.98
C VAL C 159 -16.07 0.71 -7.79
N LYS C 160 -15.44 1.49 -8.67
CA LYS C 160 -14.01 1.74 -8.52
C LYS C 160 -13.76 2.56 -7.27
N ALA C 161 -14.57 3.58 -7.06
CA ALA C 161 -14.42 4.44 -5.88
C ALA C 161 -14.59 3.58 -4.63
N LEU C 162 -15.52 2.63 -4.69
CA LEU C 162 -15.78 1.74 -3.57
C LEU C 162 -14.55 0.91 -3.20
N LEU C 163 -13.92 0.29 -4.20
CA LEU C 163 -12.74 -0.53 -3.97
C LEU C 163 -11.50 0.26 -3.54
N LEU C 164 -11.46 1.54 -3.89
CA LEU C 164 -10.33 2.40 -3.53
C LEU C 164 -10.48 2.92 -2.11
N ASP C 165 -11.69 2.78 -1.57
CA ASP C 165 -12.00 3.24 -0.21
C ASP C 165 -11.41 2.26 0.80
N GLN C 166 -10.37 2.70 1.49
CA GLN C 166 -9.70 1.85 2.47
C GLN C 166 -10.56 1.41 3.65
N THR C 167 -11.70 2.07 3.86
CA THR C 167 -12.59 1.70 4.96
C THR C 167 -13.46 0.51 4.54
N VAL C 168 -13.56 0.27 3.23
CA VAL C 168 -14.35 -0.85 2.71
C VAL C 168 -13.53 -2.12 2.84
N VAL C 169 -12.32 -2.07 2.31
CA VAL C 169 -11.38 -3.18 2.34
C VAL C 169 -10.02 -2.50 2.24
N ALA C 170 -9.03 -3.01 2.98
CA ALA C 170 -7.72 -2.36 2.98
C ALA C 170 -6.66 -2.97 2.07
N GLY C 171 -6.00 -2.13 1.27
CA GLY C 171 -4.94 -2.65 0.44
C GLY C 171 -4.94 -2.39 -1.05
N PHE C 172 -6.11 -2.15 -1.64
CA PHE C 172 -6.17 -1.92 -3.08
C PHE C 172 -5.94 -0.49 -3.52
N GLY C 173 -5.18 -0.35 -4.60
CA GLY C 173 -4.88 0.96 -5.16
C GLY C 173 -5.28 0.99 -6.62
N ASN C 174 -4.85 2.03 -7.34
CA ASN C 174 -5.24 2.18 -8.73
C ASN C 174 -4.92 0.99 -9.63
N ILE C 175 -3.79 0.35 -9.42
CA ILE C 175 -3.45 -0.80 -10.26
C ILE C 175 -4.35 -2.00 -10.00
N TYR C 176 -4.40 -2.45 -8.76
CA TYR C 176 -5.18 -3.63 -8.45
C TYR C 176 -6.69 -3.47 -8.55
N VAL C 177 -7.18 -2.24 -8.42
CA VAL C 177 -8.62 -2.06 -8.58
C VAL C 177 -8.94 -2.23 -10.06
N ASP C 178 -8.18 -1.57 -10.93
CA ASP C 178 -8.44 -1.70 -12.37
C ASP C 178 -8.28 -3.15 -12.83
N GLU C 179 -7.25 -3.82 -12.34
CA GLU C 179 -7.01 -5.22 -12.71
C GLU C 179 -8.11 -6.16 -12.22
N SER C 180 -8.55 -5.98 -10.98
CA SER C 180 -9.59 -6.83 -10.43
C SER C 180 -10.91 -6.66 -11.19
N LEU C 181 -11.23 -5.42 -11.52
CA LEU C 181 -12.48 -5.16 -12.24
C LEU C 181 -12.43 -5.77 -13.64
N PHE C 182 -11.27 -5.72 -14.29
CA PHE C 182 -11.18 -6.33 -15.63
C PHE C 182 -11.40 -7.83 -15.51
N ARG C 183 -10.68 -8.44 -14.58
CA ARG C 183 -10.77 -9.87 -14.37
C ARG C 183 -12.17 -10.34 -13.99
N ALA C 184 -12.93 -9.45 -13.36
CA ALA C 184 -14.31 -9.79 -12.95
C ALA C 184 -15.31 -9.42 -14.05
N GLY C 185 -14.82 -8.75 -15.09
CA GLY C 185 -15.69 -8.35 -16.19
C GLY C 185 -16.68 -7.26 -15.87
N ILE C 186 -16.27 -6.33 -15.01
CA ILE C 186 -17.12 -5.22 -14.57
C ILE C 186 -16.50 -3.86 -14.91
N LEU C 187 -17.27 -2.99 -15.55
CA LEU C 187 -16.78 -1.66 -15.90
C LEU C 187 -16.55 -0.86 -14.63
N PRO C 188 -15.45 -0.11 -14.56
CA PRO C 188 -15.13 0.70 -13.36
C PRO C 188 -16.09 1.83 -13.02
N GLY C 189 -16.74 2.39 -14.04
CA GLY C 189 -17.67 3.50 -13.80
C GLY C 189 -19.05 3.11 -13.36
N ARG C 190 -19.33 1.81 -13.30
CA ARG C 190 -20.65 1.34 -12.89
C ARG C 190 -20.97 1.59 -11.43
N PRO C 191 -22.22 2.02 -11.15
CA PRO C 191 -22.62 2.27 -9.76
C PRO C 191 -22.46 0.99 -8.95
N ALA C 192 -21.81 1.10 -7.79
CA ALA C 192 -21.61 -0.07 -6.95
C ALA C 192 -22.92 -0.79 -6.66
N ALA C 193 -23.99 -0.03 -6.52
CA ALA C 193 -25.31 -0.59 -6.23
C ALA C 193 -25.93 -1.32 -7.42
N SER C 194 -25.30 -1.24 -8.58
CA SER C 194 -25.82 -1.89 -9.78
C SER C 194 -25.29 -3.32 -9.94
N LEU C 195 -24.28 -3.68 -9.15
CA LEU C 195 -23.72 -5.01 -9.22
C LEU C 195 -24.65 -6.06 -8.63
N SER C 196 -24.77 -7.18 -9.31
CA SER C 196 -25.62 -8.27 -8.87
C SER C 196 -24.86 -9.13 -7.87
N SER C 197 -25.58 -10.03 -7.20
CA SER C 197 -24.95 -10.92 -6.23
C SER C 197 -23.85 -11.71 -6.93
N LYS C 198 -24.12 -12.12 -8.17
CA LYS C 198 -23.16 -12.89 -8.94
C LYS C 198 -21.90 -12.06 -9.22
N GLU C 199 -22.11 -10.81 -9.61
CA GLU C 199 -20.99 -9.92 -9.91
C GLU C 199 -20.17 -9.63 -8.66
N ILE C 200 -20.84 -9.47 -7.52
CA ILE C 200 -20.16 -9.21 -6.27
C ILE C 200 -19.27 -10.40 -5.90
N GLU C 201 -19.80 -11.61 -6.04
CA GLU C 201 -19.04 -12.81 -5.72
C GLU C 201 -17.83 -12.95 -6.64
N ARG C 202 -18.03 -12.66 -7.93
CA ARG C 202 -16.94 -12.75 -8.89
C ARG C 202 -15.87 -11.71 -8.61
N LEU C 203 -16.31 -10.50 -8.28
CA LEU C 203 -15.39 -9.40 -7.99
C LEU C 203 -14.55 -9.75 -6.76
N HIS C 204 -15.20 -10.25 -5.73
CA HIS C 204 -14.50 -10.63 -4.51
C HIS C 204 -13.45 -11.69 -4.84
N GLU C 205 -13.86 -12.68 -5.62
CA GLU C 205 -12.98 -13.76 -6.02
C GLU C 205 -11.74 -13.25 -6.77
N GLU C 206 -11.95 -12.36 -7.73
CA GLU C 206 -10.85 -11.82 -8.52
C GLU C 206 -9.96 -10.87 -7.70
N MET C 207 -10.55 -10.15 -6.77
CA MET C 207 -9.79 -9.24 -5.92
C MET C 207 -8.81 -10.03 -5.07
N VAL C 208 -9.30 -11.11 -4.46
CA VAL C 208 -8.47 -11.96 -3.63
C VAL C 208 -7.40 -12.65 -4.46
N ALA C 209 -7.78 -13.12 -5.64
CA ALA C 209 -6.83 -13.81 -6.51
C ALA C 209 -5.74 -12.87 -7.02
N THR C 210 -6.15 -11.69 -7.47
CA THR C 210 -5.22 -10.70 -7.99
C THR C 210 -4.24 -10.22 -6.94
N ILE C 211 -4.75 -9.83 -5.78
CA ILE C 211 -3.88 -9.35 -4.72
C ILE C 211 -2.94 -10.45 -4.25
N GLY C 212 -3.45 -11.68 -4.18
CA GLY C 212 -2.63 -12.80 -3.75
C GLY C 212 -1.51 -13.09 -4.75
N GLU C 213 -1.85 -13.06 -6.04
CA GLU C 213 -0.88 -13.32 -7.09
C GLU C 213 0.19 -12.23 -7.10
N ALA C 214 -0.22 -10.99 -6.88
CA ALA C 214 0.72 -9.88 -6.87
C ALA C 214 1.73 -10.02 -5.72
N VAL C 215 1.27 -10.47 -4.57
CA VAL C 215 2.17 -10.66 -3.43
C VAL C 215 3.23 -11.71 -3.77
N MET C 216 2.79 -12.79 -4.42
CA MET C 216 3.71 -13.87 -4.80
C MET C 216 4.75 -13.41 -5.81
N LYS C 217 4.38 -12.44 -6.66
CA LYS C 217 5.30 -11.94 -7.68
C LYS C 217 6.11 -10.73 -7.21
N GLY C 218 6.05 -10.43 -5.92
CA GLY C 218 6.80 -9.32 -5.37
C GLY C 218 6.28 -7.94 -5.72
N GLY C 219 5.00 -7.84 -6.05
CA GLY C 219 4.42 -6.55 -6.39
C GLY C 219 4.61 -6.13 -7.83
N SER C 220 4.15 -4.92 -8.14
CA SER C 220 4.25 -4.38 -9.49
C SER C 220 5.22 -3.21 -9.58
N THR C 221 6.18 -3.32 -10.49
CA THR C 221 7.15 -2.26 -10.71
C THR C 221 6.79 -1.65 -12.05
N VAL C 222 6.10 -0.51 -12.02
CA VAL C 222 5.69 0.16 -13.24
C VAL C 222 6.32 1.55 -13.36
N ARG C 223 6.85 2.05 -12.26
CA ARG C 223 7.49 3.36 -12.24
C ARG C 223 8.87 3.28 -11.58
N THR C 224 8.87 3.02 -10.27
CA THR C 224 10.13 2.93 -9.55
C THR C 224 10.11 2.00 -8.36
N TYR C 225 8.95 1.39 -8.08
CA TYR C 225 8.85 0.48 -6.95
C TYR C 225 9.77 -0.74 -7.07
N VAL C 226 10.44 -1.04 -5.96
CA VAL C 226 11.34 -2.19 -5.87
C VAL C 226 11.34 -2.63 -4.41
N ASN C 227 11.76 -3.86 -4.13
CA ASN C 227 11.78 -4.32 -2.76
C ASN C 227 12.92 -3.64 -2.01
N THR C 228 13.13 -4.02 -0.76
CA THR C 228 14.19 -3.43 0.05
C THR C 228 15.58 -3.59 -0.56
N GLN C 229 15.78 -4.65 -1.33
CA GLN C 229 17.07 -4.91 -1.96
C GLN C 229 17.19 -4.26 -3.33
N GLY C 230 16.24 -3.38 -3.65
CA GLY C 230 16.26 -2.70 -4.93
C GLY C 230 15.84 -3.60 -6.08
N GLU C 231 15.28 -4.77 -5.75
CA GLU C 231 14.82 -5.70 -6.76
C GLU C 231 13.36 -5.42 -7.13
N ALA C 232 13.13 -5.22 -8.43
CA ALA C 232 11.78 -4.93 -8.91
C ALA C 232 10.89 -6.17 -8.83
N GLY C 233 9.59 -5.94 -8.68
CA GLY C 233 8.64 -7.03 -8.62
C GLY C 233 8.45 -7.50 -10.05
N THR C 234 7.56 -8.45 -10.28
CA THR C 234 7.34 -8.94 -11.63
C THR C 234 5.87 -9.02 -12.02
N PHE C 235 4.98 -8.53 -11.17
CA PHE C 235 3.57 -8.61 -11.49
C PHE C 235 3.17 -7.71 -12.66
N GLN C 236 3.99 -6.70 -12.95
CA GLN C 236 3.71 -5.79 -14.05
C GLN C 236 3.58 -6.56 -15.37
N HIS C 237 4.20 -7.72 -15.45
CA HIS C 237 4.16 -8.54 -16.65
C HIS C 237 2.84 -9.30 -16.76
N HIS C 238 2.04 -9.26 -15.71
CA HIS C 238 0.77 -9.96 -15.69
C HIS C 238 -0.43 -9.03 -15.64
N LEU C 239 -0.21 -7.77 -16.04
CA LEU C 239 -1.29 -6.78 -16.04
C LEU C 239 -2.12 -6.88 -17.31
N TYR C 240 -3.43 -6.82 -17.14
CA TYR C 240 -4.34 -6.91 -18.27
C TYR C 240 -4.73 -5.54 -18.81
N VAL C 241 -4.82 -4.55 -17.91
CA VAL C 241 -5.23 -3.22 -18.34
C VAL C 241 -4.44 -2.02 -17.82
N TYR C 242 -3.96 -2.07 -16.58
CA TYR C 242 -3.26 -0.92 -16.06
C TYR C 242 -2.07 -0.50 -16.90
N GLY C 243 -2.11 0.76 -17.37
CA GLY C 243 -1.04 1.29 -18.19
C GLY C 243 -0.95 0.73 -19.60
N ARG C 244 -1.95 -0.04 -20.01
CA ARG C 244 -1.94 -0.63 -21.35
C ARG C 244 -2.86 0.06 -22.35
N GLN C 245 -3.27 1.29 -22.06
CA GLN C 245 -4.15 2.02 -22.96
C GLN C 245 -3.57 2.05 -24.38
N GLY C 246 -4.42 1.78 -25.36
CA GLY C 246 -3.97 1.78 -26.74
C GLY C 246 -3.49 0.42 -27.22
N ASN C 247 -3.13 -0.45 -26.28
CA ASN C 247 -2.66 -1.78 -26.62
C ASN C 247 -3.83 -2.76 -26.65
N PRO C 248 -3.69 -3.85 -27.43
CA PRO C 248 -4.78 -4.83 -27.51
C PRO C 248 -5.01 -5.59 -26.21
N CYS C 249 -6.29 -5.84 -25.91
CA CYS C 249 -6.65 -6.60 -24.73
C CYS C 249 -6.03 -7.98 -24.91
N LYS C 250 -5.48 -8.54 -23.82
CA LYS C 250 -4.85 -9.86 -23.89
C LYS C 250 -5.86 -10.98 -24.09
N ARG C 251 -7.14 -10.70 -23.84
CA ARG C 251 -8.17 -11.71 -23.97
C ARG C 251 -9.01 -11.61 -25.24
N CYS C 252 -9.33 -10.38 -25.67
CA CYS C 252 -10.16 -10.22 -26.86
C CYS C 252 -9.55 -9.39 -27.98
N GLY C 253 -8.41 -8.77 -27.72
CA GLY C 253 -7.75 -7.97 -28.75
C GLY C 253 -8.26 -6.55 -28.94
N THR C 254 -9.33 -6.19 -28.25
CA THR C 254 -9.88 -4.84 -28.36
C THR C 254 -8.92 -3.88 -27.65
N PRO C 255 -8.68 -2.69 -28.24
CA PRO C 255 -7.77 -1.74 -27.60
C PRO C 255 -8.23 -1.32 -26.21
N ILE C 256 -7.31 -1.36 -25.24
CA ILE C 256 -7.62 -0.96 -23.89
C ILE C 256 -7.83 0.56 -23.90
N GLU C 257 -8.78 1.03 -23.12
CA GLU C 257 -9.06 2.45 -23.06
C GLU C 257 -8.73 3.05 -21.70
N LYS C 258 -8.52 4.34 -21.68
CA LYS C 258 -8.23 5.03 -20.43
C LYS C 258 -9.10 6.26 -20.31
N THR C 259 -9.70 6.42 -19.15
CA THR C 259 -10.55 7.56 -18.87
C THR C 259 -10.32 7.95 -17.42
N VAL C 260 -11.13 8.87 -16.91
CA VAL C 260 -11.01 9.31 -15.54
C VAL C 260 -12.27 8.90 -14.78
N VAL C 261 -12.08 8.15 -13.70
CA VAL C 261 -13.18 7.69 -12.86
C VAL C 261 -12.74 7.91 -11.42
N ALA C 262 -13.58 8.54 -10.62
CA ALA C 262 -13.27 8.82 -9.23
C ALA C 262 -12.02 9.71 -9.16
N GLY C 263 -11.79 10.48 -10.22
CA GLY C 263 -10.65 11.36 -10.27
C GLY C 263 -9.31 10.66 -10.48
N ARG C 264 -9.36 9.40 -10.88
CA ARG C 264 -8.14 8.64 -11.10
C ARG C 264 -8.07 8.08 -12.52
N GLY C 265 -6.85 7.92 -13.04
CA GLY C 265 -6.69 7.34 -14.36
C GLY C 265 -7.32 5.97 -14.26
N THR C 266 -8.13 5.60 -15.24
CA THR C 266 -8.83 4.32 -15.20
C THR C 266 -8.70 3.55 -16.51
N HIS C 267 -8.20 2.33 -16.41
CA HIS C 267 -7.97 1.47 -17.58
C HIS C 267 -8.94 0.31 -17.63
N TYR C 268 -9.50 0.05 -18.81
CA TYR C 268 -10.47 -1.03 -18.93
C TYR C 268 -10.61 -1.49 -20.38
N CYS C 269 -11.18 -2.68 -20.56
CA CYS C 269 -11.45 -3.19 -21.89
C CYS C 269 -12.96 -3.01 -22.07
N PRO C 270 -13.36 -2.24 -23.09
CA PRO C 270 -14.78 -1.98 -23.34
C PRO C 270 -15.60 -3.20 -23.75
N ARG C 271 -14.93 -4.29 -24.13
CA ARG C 271 -15.64 -5.50 -24.52
C ARG C 271 -15.73 -6.53 -23.38
N CYS C 272 -14.62 -6.80 -22.71
CA CYS C 272 -14.60 -7.77 -21.62
C CYS C 272 -15.32 -7.30 -20.35
N GLN C 273 -15.40 -6.00 -20.16
CA GLN C 273 -16.06 -5.44 -18.98
C GLN C 273 -17.41 -4.83 -19.33
N ARG C 274 -18.42 -5.15 -18.53
CA ARG C 274 -19.77 -4.64 -18.75
C ARG C 274 -20.31 -3.84 -17.57
#